data_8FE0
#
_entry.id   8FE0
#
_cell.length_a   74.879
_cell.length_b   74.879
_cell.length_c   100.616
_cell.angle_alpha   90.00
_cell.angle_beta   90.00
_cell.angle_gamma   120.00
#
_symmetry.space_group_name_H-M   'P 32 2 1'
#
loop_
_entity.id
_entity.type
_entity.pdbx_description
1 polymer 'Phosphoribosylglycinamide formyltransferase'
2 non-polymer 'GLYCINAMIDE RIBONUCLEOTIDE'
3 non-polymer 'N-{5-[4-(2-amino-4-oxo-1,4-dihydrothieno[2,3-d]pyrimidin-6-yl)butyl]-3-fluoropyridine-2-carbonyl}-L-glutamic acid'
4 water water
#
_entity_poly.entity_id   1
_entity_poly.type   'polypeptide(L)'
_entity_poly.pdbx_seq_one_letter_code
;MARVAVLISGTGSNLQALIDSTREPNSSAQIDIVISNKAAVAGLDKAERAGIPTRVINHKLYKNRVEFDSAIDLVLEEFS
IDIVCLAGFMRILSGPFVAKWNGKMLNIHPSLLPSFKGSNAHEQALETGVTVTGCTVHFVAEDVDAGQIILQEAVPVKRG
DTVATLSERVKLAEHKIFPAALQLVASGTVQLGENGKICWVKEEHHHHHH
;
_entity_poly.pdbx_strand_id   A
#
# COMPACT_ATOMS: atom_id res chain seq x y z
N ALA A 2 12.01 12.17 1.14
CA ALA A 2 11.45 11.16 2.04
C ALA A 2 11.88 9.79 1.60
N ARG A 3 12.40 9.00 2.53
CA ARG A 3 12.86 7.66 2.24
C ARG A 3 11.71 6.67 2.46
N VAL A 4 11.47 5.81 1.46
CA VAL A 4 10.27 4.99 1.37
C VAL A 4 10.65 3.52 1.31
N ALA A 5 9.96 2.70 2.10
CA ALA A 5 9.95 1.25 1.94
C ALA A 5 8.63 0.84 1.31
N VAL A 6 8.67 -0.08 0.35
CA VAL A 6 7.48 -0.66 -0.24
C VAL A 6 7.43 -2.13 0.16
N LEU A 7 6.37 -2.52 0.85
CA LEU A 7 6.15 -3.91 1.24
C LEU A 7 5.20 -4.55 0.24
N ILE A 8 5.54 -5.75 -0.21
CA ILE A 8 4.75 -6.48 -1.20
C ILE A 8 4.53 -7.91 -0.72
N SER A 9 3.51 -8.55 -1.29
CA SER A 9 3.29 -9.98 -1.14
C SER A 9 3.18 -10.71 -2.47
N GLY A 10 3.18 -9.99 -3.59
CA GLY A 10 2.78 -10.55 -4.87
C GLY A 10 3.39 -9.92 -6.11
N THR A 11 2.53 -9.48 -7.03
CA THR A 11 2.94 -9.16 -8.40
C THR A 11 3.69 -7.82 -8.52
N GLY A 12 3.34 -6.82 -7.73
CA GLY A 12 4.08 -5.57 -7.73
C GLY A 12 3.71 -4.57 -8.80
N SER A 13 2.53 -4.66 -9.41
CA SER A 13 2.10 -3.63 -10.34
C SER A 13 2.04 -2.26 -9.66
N ASN A 14 1.53 -2.22 -8.42
CA ASN A 14 1.54 -0.97 -7.66
C ASN A 14 2.98 -0.53 -7.34
N LEU A 15 3.82 -1.47 -6.89
CA LEU A 15 5.24 -1.18 -6.74
C LEU A 15 5.82 -0.52 -8.00
N GLN A 16 5.56 -1.12 -9.17
CA GLN A 16 6.14 -0.59 -10.40
C GLN A 16 5.66 0.82 -10.67
N ALA A 17 4.36 1.08 -10.45
CA ALA A 17 3.85 2.44 -10.61
C ALA A 17 4.53 3.39 -9.63
N LEU A 18 4.81 2.92 -8.42
CA LEU A 18 5.50 3.75 -7.43
C LEU A 18 6.95 3.97 -7.83
N ILE A 19 7.63 2.94 -8.33
CA ILE A 19 8.98 3.11 -8.85
C ILE A 19 8.99 4.17 -9.95
N ASP A 20 8.10 4.03 -10.94
CA ASP A 20 8.06 4.98 -12.04
C ASP A 20 7.86 6.40 -11.55
N SER A 21 6.90 6.61 -10.64
CA SER A 21 6.62 7.97 -10.20
C SER A 21 7.79 8.56 -9.42
N THR A 22 8.42 7.79 -8.55
CA THR A 22 9.47 8.34 -7.68
C THR A 22 10.80 8.56 -8.41
N ARG A 23 10.93 8.07 -9.64
CA ARG A 23 12.10 8.40 -10.47
C ARG A 23 11.95 9.76 -11.15
N GLU A 24 10.74 10.30 -11.18
CA GLU A 24 10.53 11.60 -11.79
C GLU A 24 11.38 12.63 -11.07
N PRO A 25 11.95 13.60 -11.79
CA PRO A 25 12.80 14.59 -11.14
C PRO A 25 12.15 15.26 -9.95
N ASN A 26 10.87 15.63 -10.06
CA ASN A 26 10.18 16.38 -9.00
C ASN A 26 9.61 15.49 -7.90
N SER A 27 9.93 14.20 -7.91
CA SER A 27 9.45 13.33 -6.84
C SER A 27 10.03 13.74 -5.49
N SER A 28 9.18 13.71 -4.46
CA SER A 28 9.57 13.95 -3.08
C SER A 28 9.91 12.68 -2.33
N ALA A 29 9.79 11.52 -2.99
CA ALA A 29 10.04 10.24 -2.36
C ALA A 29 11.11 9.50 -3.14
N GLN A 30 11.88 8.69 -2.42
CA GLN A 30 12.80 7.74 -3.03
C GLN A 30 12.51 6.36 -2.43
N ILE A 31 12.42 5.35 -3.27
CA ILE A 31 12.17 4.00 -2.80
C ILE A 31 13.52 3.39 -2.49
N ASP A 32 13.82 3.20 -1.20
CA ASP A 32 15.13 2.73 -0.77
C ASP A 32 15.19 1.24 -0.47
N ILE A 33 14.05 0.58 -0.27
CA ILE A 33 14.03 -0.85 0.02
C ILE A 33 12.66 -1.39 -0.36
N VAL A 34 12.65 -2.61 -0.90
CA VAL A 34 11.42 -3.37 -1.16
C VAL A 34 11.44 -4.62 -0.30
N ILE A 35 10.41 -4.80 0.52
CA ILE A 35 10.31 -5.95 1.42
C ILE A 35 9.14 -6.81 0.98
N SER A 36 9.40 -8.11 0.79
CA SER A 36 8.36 -9.09 0.50
C SER A 36 8.27 -10.10 1.63
N ASN A 37 7.05 -10.48 2.00
CA ASN A 37 6.91 -11.53 2.99
C ASN A 37 6.89 -12.91 2.36
N LYS A 38 6.97 -12.99 1.03
CA LYS A 38 6.92 -14.26 0.32
C LYS A 38 8.03 -14.24 -0.71
N ALA A 39 8.79 -15.34 -0.78
CA ALA A 39 9.91 -15.43 -1.71
C ALA A 39 9.43 -15.57 -3.15
N ALA A 40 10.34 -15.28 -4.08
CA ALA A 40 10.11 -15.53 -5.50
C ALA A 40 8.71 -15.09 -5.94
N VAL A 41 8.35 -13.84 -5.59
CA VAL A 41 7.17 -13.18 -6.13
C VAL A 41 7.65 -12.19 -7.18
N ALA A 42 6.79 -11.90 -8.17
CA ALA A 42 7.21 -11.10 -9.32
C ALA A 42 7.66 -9.70 -8.93
N GLY A 43 7.09 -9.13 -7.86
CA GLY A 43 7.50 -7.80 -7.43
C GLY A 43 8.96 -7.73 -7.06
N LEU A 44 9.54 -8.84 -6.58
CA LEU A 44 10.98 -8.85 -6.30
C LEU A 44 11.81 -8.61 -7.56
N ASP A 45 11.33 -9.09 -8.71
CA ASP A 45 12.06 -8.86 -9.96
C ASP A 45 11.95 -7.41 -10.42
N LYS A 46 10.73 -6.88 -10.45
CA LYS A 46 10.54 -5.48 -10.76
C LYS A 46 11.45 -4.61 -9.92
N ALA A 47 11.67 -4.99 -8.66
CA ALA A 47 12.53 -4.22 -7.77
C ALA A 47 13.99 -4.31 -8.20
N GLU A 48 14.48 -5.52 -8.46
CA GLU A 48 15.87 -5.67 -8.87
C GLU A 48 16.12 -5.01 -10.22
N ARG A 49 15.18 -5.12 -11.16
CA ARG A 49 15.36 -4.46 -12.45
C ARG A 49 15.52 -2.97 -12.28
N ALA A 50 14.89 -2.38 -11.26
CA ALA A 50 15.01 -0.96 -11.00
C ALA A 50 16.17 -0.64 -10.07
N GLY A 51 16.95 -1.64 -9.69
CA GLY A 51 18.12 -1.43 -8.85
C GLY A 51 17.81 -1.13 -7.40
N ILE A 52 16.70 -1.64 -6.88
CA ILE A 52 16.26 -1.34 -5.51
C ILE A 52 16.55 -2.55 -4.64
N PRO A 53 17.20 -2.37 -3.48
CA PRO A 53 17.40 -3.48 -2.55
C PRO A 53 16.09 -4.22 -2.24
N THR A 54 16.20 -5.54 -2.02
CA THR A 54 15.08 -6.37 -1.64
C THR A 54 15.42 -7.17 -0.38
N ARG A 55 14.38 -7.51 0.38
CA ARG A 55 14.53 -8.39 1.53
C ARG A 55 13.26 -9.22 1.65
N VAL A 56 13.42 -10.53 1.80
CA VAL A 56 12.32 -11.43 2.09
C VAL A 56 12.28 -11.68 3.58
N ILE A 57 11.14 -11.42 4.19
CA ILE A 57 10.91 -11.70 5.60
C ILE A 57 9.71 -12.63 5.65
N ASN A 58 9.98 -13.93 5.68
CA ASN A 58 8.93 -14.95 5.70
C ASN A 58 8.16 -14.87 7.01
N HIS A 59 6.88 -14.51 6.94
CA HIS A 59 6.06 -14.50 8.14
C HIS A 59 5.92 -15.90 8.73
N LYS A 60 6.05 -16.93 7.89
CA LYS A 60 5.87 -18.31 8.33
C LYS A 60 6.91 -18.74 9.37
N LEU A 61 8.02 -18.00 9.47
CA LEU A 61 9.13 -18.33 10.36
C LEU A 61 8.99 -17.77 11.77
N TYR A 62 7.97 -16.99 12.06
CA TYR A 62 7.93 -16.25 13.31
C TYR A 62 6.82 -16.78 14.20
N LYS A 63 6.99 -16.60 15.51
CA LYS A 63 6.00 -17.11 16.45
C LYS A 63 4.68 -16.38 16.29
N ASN A 64 4.70 -15.08 16.00
CA ASN A 64 3.47 -14.31 15.97
C ASN A 64 3.71 -13.04 15.14
N ARG A 65 2.65 -12.24 15.00
CA ARG A 65 2.75 -11.01 14.23
C ARG A 65 3.84 -10.08 14.79
N VAL A 66 3.85 -9.91 16.12
CA VAL A 66 4.74 -8.92 16.71
C VAL A 66 6.21 -9.21 16.39
N GLU A 67 6.62 -10.47 16.48
CA GLU A 67 7.99 -10.83 16.12
C GLU A 67 8.26 -10.50 14.66
N PHE A 68 7.36 -10.96 13.77
CA PHE A 68 7.52 -10.75 12.34
C PHE A 68 7.56 -9.26 11.99
N ASP A 69 6.65 -8.48 12.58
CA ASP A 69 6.68 -7.03 12.37
C ASP A 69 7.98 -6.44 12.86
N SER A 70 8.51 -6.95 13.97
CA SER A 70 9.79 -6.47 14.49
C SER A 70 10.91 -6.77 13.50
N ALA A 71 10.87 -7.91 12.83
CA ALA A 71 11.87 -8.18 11.79
C ALA A 71 11.77 -7.17 10.66
N ILE A 72 10.54 -6.81 10.26
CA ILE A 72 10.37 -5.79 9.23
C ILE A 72 10.88 -4.44 9.75
N ASP A 73 10.47 -4.08 10.96
CA ASP A 73 10.90 -2.82 11.55
C ASP A 73 12.41 -2.70 11.55
N LEU A 74 13.10 -3.81 11.82
CA LEU A 74 14.55 -3.77 11.83
C LEU A 74 15.08 -3.31 10.47
N VAL A 75 14.53 -3.86 9.39
CA VAL A 75 14.99 -3.47 8.06
C VAL A 75 14.61 -2.03 7.76
N LEU A 76 13.45 -1.59 8.26
CA LEU A 76 13.04 -0.22 8.07
C LEU A 76 14.04 0.74 8.70
N GLU A 77 14.56 0.39 9.88
CA GLU A 77 15.55 1.23 10.56
C GLU A 77 16.90 1.15 9.85
N GLU A 78 17.34 -0.05 9.51
CA GLU A 78 18.55 -0.20 8.72
C GLU A 78 18.60 0.79 7.57
N PHE A 79 17.46 1.02 6.92
CA PHE A 79 17.40 1.87 5.74
C PHE A 79 16.85 3.26 6.05
N SER A 80 16.81 3.64 7.33
CA SER A 80 16.37 4.98 7.74
C SER A 80 15.13 5.41 6.98
N ILE A 81 14.10 4.57 7.02
CA ILE A 81 12.88 4.79 6.25
C ILE A 81 12.02 5.85 6.93
N ASP A 82 11.44 6.75 6.12
CA ASP A 82 10.49 7.71 6.64
C ASP A 82 9.04 7.30 6.40
N ILE A 83 8.77 6.56 5.33
CA ILE A 83 7.40 6.26 4.92
C ILE A 83 7.33 4.81 4.44
N VAL A 84 6.28 4.10 4.84
CA VAL A 84 6.04 2.72 4.43
C VAL A 84 4.80 2.67 3.54
N CYS A 85 4.96 2.08 2.36
CA CYS A 85 3.84 1.80 1.47
C CYS A 85 3.55 0.31 1.44
N LEU A 86 2.32 -0.07 1.82
CA LEU A 86 1.83 -1.44 1.66
C LEU A 86 1.17 -1.53 0.29
N ALA A 87 1.79 -2.29 -0.62
CA ALA A 87 1.37 -2.40 -2.01
C ALA A 87 1.18 -3.88 -2.33
N GLY A 88 -0.02 -4.40 -2.04
CA GLY A 88 -0.29 -5.82 -2.18
C GLY A 88 0.24 -6.65 -1.04
N PHE A 89 0.75 -6.00 0.00
CA PHE A 89 1.17 -6.69 1.21
C PHE A 89 -0.07 -7.16 1.95
N MET A 90 -0.14 -8.46 2.24
CA MET A 90 -1.39 -9.07 2.69
C MET A 90 -1.40 -9.44 4.17
N ARG A 91 -0.36 -9.08 4.94
CA ARG A 91 -0.26 -9.49 6.34
C ARG A 91 -0.79 -8.38 7.23
N ILE A 92 -1.79 -8.68 8.04
CA ILE A 92 -2.25 -7.70 9.03
C ILE A 92 -1.12 -7.37 9.99
N LEU A 93 -0.89 -6.09 10.22
CA LEU A 93 0.16 -5.63 11.11
C LEU A 93 -0.37 -5.43 12.52
N SER A 94 0.54 -5.60 13.49
CA SER A 94 0.21 -5.53 14.91
C SER A 94 0.07 -4.08 15.36
N GLY A 95 -0.68 -3.91 16.45
CA GLY A 95 -0.92 -2.62 17.02
C GLY A 95 0.34 -1.81 17.22
N PRO A 96 1.28 -2.34 17.99
CA PRO A 96 2.49 -1.54 18.29
C PRO A 96 3.21 -1.08 17.03
N PHE A 97 3.43 -1.98 16.07
CA PHE A 97 4.01 -1.59 14.80
C PHE A 97 3.20 -0.48 14.12
N VAL A 98 1.88 -0.63 14.07
CA VAL A 98 1.04 0.37 13.44
C VAL A 98 1.15 1.70 14.17
N ALA A 99 1.12 1.67 15.51
CA ALA A 99 1.28 2.89 16.28
C ALA A 99 2.63 3.55 16.01
N LYS A 100 3.70 2.75 15.96
CA LYS A 100 5.02 3.32 15.70
C LYS A 100 5.03 4.08 14.38
N TRP A 101 4.47 3.49 13.33
CA TRP A 101 4.46 4.09 12.01
C TRP A 101 3.22 4.94 11.76
N ASN A 102 2.50 5.28 12.81
CA ASN A 102 1.30 6.08 12.66
C ASN A 102 1.61 7.33 11.85
N GLY A 103 0.72 7.63 10.89
CA GLY A 103 0.92 8.79 10.05
C GLY A 103 2.07 8.69 9.08
N LYS A 104 2.73 7.53 8.99
CA LYS A 104 3.85 7.33 8.09
C LYS A 104 3.70 6.09 7.22
N MET A 105 2.58 5.37 7.32
CA MET A 105 2.37 4.16 6.58
C MET A 105 1.08 4.26 5.78
N LEU A 106 1.16 3.99 4.48
CA LEU A 106 0.05 4.08 3.57
C LEU A 106 -0.29 2.70 3.00
N ASN A 107 -1.56 2.50 2.69
CA ASN A 107 -2.02 1.25 2.13
C ASN A 107 -2.98 1.53 0.99
N ILE A 108 -2.86 0.73 -0.07
CA ILE A 108 -3.77 0.79 -1.21
C ILE A 108 -4.80 -0.33 -1.03
N HIS A 109 -6.09 0.02 -1.16
CA HIS A 109 -7.15 -0.97 -1.00
C HIS A 109 -8.08 -0.86 -2.20
N PRO A 110 -8.46 -1.99 -2.84
CA PRO A 110 -9.20 -1.95 -4.10
C PRO A 110 -10.71 -1.84 -3.90
N SER A 111 -11.13 -0.88 -3.08
CA SER A 111 -12.53 -0.48 -3.06
C SER A 111 -12.63 0.96 -2.60
N LEU A 112 -13.84 1.51 -2.68
CA LEU A 112 -14.13 2.82 -2.10
C LEU A 112 -14.48 2.60 -0.62
N LEU A 113 -13.45 2.57 0.22
CA LEU A 113 -13.73 2.45 1.64
C LEU A 113 -14.68 3.56 2.05
N PRO A 114 -15.59 3.31 3.01
CA PRO A 114 -15.62 2.13 3.87
C PRO A 114 -16.29 0.89 3.31
N SER A 115 -16.80 0.94 2.06
CA SER A 115 -17.34 -0.26 1.45
C SER A 115 -16.27 -1.33 1.28
N PHE A 116 -16.66 -2.58 1.55
CA PHE A 116 -15.89 -3.77 1.15
C PHE A 116 -14.48 -3.77 1.74
N LYS A 117 -14.40 -3.63 3.06
CA LYS A 117 -13.12 -3.86 3.73
C LYS A 117 -12.72 -5.34 3.59
N GLY A 118 -11.45 -5.61 3.81
CA GLY A 118 -10.99 -6.98 3.80
C GLY A 118 -10.33 -7.39 2.50
N SER A 119 -10.12 -8.70 2.36
CA SER A 119 -9.14 -9.22 1.42
C SER A 119 -9.67 -9.47 0.02
N ASN A 120 -10.99 -9.51 -0.15
CA ASN A 120 -11.61 -9.89 -1.42
C ASN A 120 -12.62 -8.82 -1.83
N ALA A 121 -12.14 -7.58 -1.94
CA ALA A 121 -13.03 -6.46 -2.18
C ALA A 121 -13.83 -6.64 -3.47
N HIS A 122 -13.16 -7.05 -4.56
CA HIS A 122 -13.86 -7.21 -5.83
C HIS A 122 -14.98 -8.24 -5.75
N GLU A 123 -14.70 -9.41 -5.17
CA GLU A 123 -15.75 -10.40 -4.95
C GLU A 123 -16.93 -9.78 -4.23
N GLN A 124 -16.67 -9.08 -3.13
CA GLN A 124 -17.75 -8.40 -2.42
C GLN A 124 -18.46 -7.42 -3.34
N ALA A 125 -17.70 -6.61 -4.07
CA ALA A 125 -18.31 -5.60 -4.92
C ALA A 125 -19.22 -6.26 -5.95
N LEU A 126 -18.75 -7.36 -6.54
CA LEU A 126 -19.55 -8.03 -7.55
C LEU A 126 -20.74 -8.73 -6.92
N GLU A 127 -20.56 -9.34 -5.75
CA GLU A 127 -21.66 -10.01 -5.06
C GLU A 127 -22.72 -9.00 -4.62
N THR A 128 -22.29 -7.81 -4.19
CA THR A 128 -23.23 -6.77 -3.80
C THR A 128 -23.93 -6.10 -4.99
N GLY A 129 -23.31 -6.14 -6.17
CA GLY A 129 -23.96 -5.58 -7.33
C GLY A 129 -23.81 -4.09 -7.52
N VAL A 130 -22.73 -3.48 -6.99
CA VAL A 130 -22.51 -2.06 -7.22
C VAL A 130 -22.15 -1.87 -8.70
N THR A 131 -22.46 -0.69 -9.22
CA THR A 131 -22.03 -0.32 -10.56
C THR A 131 -20.85 0.64 -10.54
N VAL A 132 -20.51 1.17 -9.37
CA VAL A 132 -19.29 1.95 -9.18
C VAL A 132 -18.53 1.32 -8.04
N THR A 133 -17.24 1.02 -8.27
CA THR A 133 -16.32 0.69 -7.20
C THR A 133 -15.13 1.62 -7.36
N GLY A 134 -13.94 1.19 -6.95
CA GLY A 134 -12.82 2.10 -6.94
C GLY A 134 -11.71 1.56 -6.08
N CYS A 135 -10.77 2.44 -5.78
CA CYS A 135 -9.65 2.12 -4.92
C CYS A 135 -9.39 3.30 -4.00
N THR A 136 -8.73 3.00 -2.88
CA THR A 136 -8.57 3.91 -1.75
C THR A 136 -7.13 3.81 -1.24
N VAL A 137 -6.46 4.95 -1.15
CA VAL A 137 -5.19 5.04 -0.45
C VAL A 137 -5.46 5.68 0.89
N HIS A 138 -5.06 5.01 1.97
CA HIS A 138 -5.34 5.49 3.32
C HIS A 138 -4.12 5.26 4.21
N PHE A 139 -4.03 6.05 5.26
CA PHE A 139 -3.09 5.75 6.32
C PHE A 139 -3.48 4.44 7.01
N VAL A 140 -2.48 3.65 7.39
CA VAL A 140 -2.73 2.42 8.11
C VAL A 140 -3.00 2.75 9.58
N ALA A 141 -4.20 2.44 10.03
CA ALA A 141 -4.56 2.45 11.44
C ALA A 141 -4.61 1.00 11.93
N GLU A 142 -4.93 0.82 13.20
CA GLU A 142 -4.94 -0.54 13.73
C GLU A 142 -6.11 -1.34 13.18
N ASP A 143 -7.32 -0.77 13.18
CA ASP A 143 -8.43 -1.39 12.47
C ASP A 143 -8.14 -1.49 10.98
N VAL A 144 -8.04 -2.73 10.48
CA VAL A 144 -7.77 -2.93 9.07
C VAL A 144 -8.70 -2.08 8.22
N ASP A 145 -8.14 -1.41 7.20
CA ASP A 145 -8.90 -0.73 6.17
C ASP A 145 -9.79 0.36 6.73
N ALA A 146 -9.41 0.92 7.89
CA ALA A 146 -10.19 1.98 8.52
C ALA A 146 -9.39 3.24 8.79
N GLY A 147 -8.10 3.29 8.43
CA GLY A 147 -7.33 4.50 8.62
C GLY A 147 -7.81 5.67 7.77
N GLN A 148 -7.19 6.83 8.01
CA GLN A 148 -7.64 8.04 7.35
C GLN A 148 -7.39 7.98 5.84
N ILE A 149 -8.39 8.41 5.09
CA ILE A 149 -8.38 8.30 3.63
C ILE A 149 -7.60 9.46 3.02
N ILE A 150 -6.71 9.15 2.09
CA ILE A 150 -5.90 10.18 1.45
C ILE A 150 -6.44 10.49 0.06
N LEU A 151 -6.51 9.48 -0.81
CA LEU A 151 -7.12 9.65 -2.13
C LEU A 151 -8.01 8.47 -2.46
N GLN A 152 -8.92 8.69 -3.40
CA GLN A 152 -9.74 7.63 -3.95
C GLN A 152 -10.02 7.97 -5.39
N GLU A 153 -10.31 6.94 -6.18
CA GLU A 153 -10.75 7.16 -7.55
C GLU A 153 -11.83 6.14 -7.86
N ALA A 154 -12.98 6.62 -8.33
CA ALA A 154 -14.05 5.72 -8.70
C ALA A 154 -13.69 4.98 -9.98
N VAL A 155 -14.20 3.75 -10.09
CA VAL A 155 -14.02 2.90 -11.28
C VAL A 155 -15.35 2.24 -11.57
N PRO A 156 -15.81 2.24 -12.82
CA PRO A 156 -17.12 1.64 -13.12
C PRO A 156 -17.06 0.12 -13.11
N VAL A 157 -18.15 -0.49 -12.66
CA VAL A 157 -18.36 -1.93 -12.83
C VAL A 157 -19.13 -2.14 -14.12
N LYS A 158 -18.59 -2.94 -15.03
CA LYS A 158 -19.29 -3.22 -16.26
C LYS A 158 -20.01 -4.56 -16.13
N ARG A 159 -21.13 -4.68 -16.84
CA ARG A 159 -21.89 -5.92 -16.79
C ARG A 159 -21.05 -7.07 -17.33
N GLY A 160 -21.18 -8.21 -16.70
CA GLY A 160 -20.32 -9.32 -17.06
C GLY A 160 -18.96 -9.31 -16.40
N ASP A 161 -18.63 -8.29 -15.59
CA ASP A 161 -17.30 -8.23 -14.98
C ASP A 161 -17.04 -9.46 -14.13
N THR A 162 -15.76 -9.81 -14.02
CA THR A 162 -15.29 -10.79 -13.08
C THR A 162 -14.23 -10.16 -12.20
N VAL A 163 -13.72 -10.94 -11.22
CA VAL A 163 -12.56 -10.49 -10.48
C VAL A 163 -11.42 -10.16 -11.43
N ALA A 164 -11.23 -11.00 -12.46
CA ALA A 164 -10.15 -10.75 -13.40
C ALA A 164 -10.32 -9.40 -14.09
N THR A 165 -11.49 -9.15 -14.70
CA THR A 165 -11.68 -7.92 -15.46
C THR A 165 -11.85 -6.70 -14.56
N LEU A 166 -12.57 -6.83 -13.43
CA LEU A 166 -12.78 -5.67 -12.57
C LEU A 166 -11.46 -5.24 -11.91
N SER A 167 -10.74 -6.20 -11.33
CA SER A 167 -9.48 -5.85 -10.68
C SER A 167 -8.51 -5.26 -11.68
N GLU A 168 -8.60 -5.66 -12.94
CA GLU A 168 -7.73 -5.10 -13.94
C GLU A 168 -8.04 -3.61 -14.17
N ARG A 169 -9.32 -3.27 -14.26
CA ARG A 169 -9.70 -1.87 -14.42
C ARG A 169 -9.33 -1.08 -13.18
N VAL A 170 -9.64 -1.60 -12.00
CA VAL A 170 -9.34 -0.87 -10.77
C VAL A 170 -7.84 -0.61 -10.62
N LYS A 171 -7.00 -1.55 -11.07
CA LYS A 171 -5.57 -1.36 -10.89
C LYS A 171 -5.06 -0.18 -11.70
N LEU A 172 -5.73 0.15 -12.81
CA LEU A 172 -5.34 1.34 -13.54
C LEU A 172 -5.51 2.59 -12.68
N ALA A 173 -6.57 2.63 -11.88
CA ALA A 173 -6.74 3.75 -10.95
C ALA A 173 -5.77 3.65 -9.78
N GLU A 174 -5.45 2.44 -9.33
CA GLU A 174 -4.50 2.31 -8.23
C GLU A 174 -3.16 2.91 -8.60
N HIS A 175 -2.72 2.67 -9.84
CA HIS A 175 -1.43 3.18 -10.31
C HIS A 175 -1.43 4.69 -10.48
N LYS A 176 -2.60 5.33 -10.46
CA LYS A 176 -2.66 6.79 -10.44
C LYS A 176 -2.63 7.31 -9.00
N ILE A 177 -3.60 6.89 -8.18
CA ILE A 177 -3.76 7.51 -6.87
C ILE A 177 -2.68 7.07 -5.87
N PHE A 178 -2.07 5.90 -6.06
CA PHE A 178 -1.02 5.54 -5.10
C PHE A 178 0.23 6.40 -5.27
N PRO A 179 0.80 6.55 -6.46
CA PRO A 179 1.90 7.52 -6.63
C PRO A 179 1.51 8.93 -6.20
N ALA A 180 0.28 9.36 -6.52
CA ALA A 180 -0.15 10.69 -6.13
C ALA A 180 -0.21 10.83 -4.60
N ALA A 181 -0.76 9.82 -3.91
CA ALA A 181 -0.86 9.84 -2.45
C ALA A 181 0.51 9.80 -1.79
N LEU A 182 1.44 9.00 -2.34
CA LEU A 182 2.79 8.99 -1.80
C LEU A 182 3.45 10.36 -1.92
N GLN A 183 3.35 10.97 -3.11
CA GLN A 183 3.93 12.30 -3.30
C GLN A 183 3.31 13.32 -2.36
N LEU A 184 2.02 13.19 -2.06
CA LEU A 184 1.39 14.14 -1.14
C LEU A 184 1.97 14.00 0.27
N VAL A 185 2.18 12.76 0.71
CA VAL A 185 2.73 12.55 2.05
C VAL A 185 4.21 12.87 2.07
N ALA A 186 4.95 12.36 1.06
CA ALA A 186 6.39 12.58 1.03
C ALA A 186 6.76 14.06 1.06
N SER A 187 5.95 14.90 0.43
CA SER A 187 6.24 16.33 0.36
C SER A 187 5.68 17.09 1.55
N GLY A 188 5.03 16.43 2.49
CA GLY A 188 4.41 17.13 3.60
C GLY A 188 3.17 17.92 3.26
N THR A 189 2.63 17.76 2.05
CA THR A 189 1.38 18.42 1.70
C THR A 189 0.22 17.87 2.53
N VAL A 190 0.18 16.56 2.74
CA VAL A 190 -0.85 15.91 3.52
C VAL A 190 -0.18 15.22 4.68
N GLN A 191 -0.78 15.32 5.86
CA GLN A 191 -0.32 14.58 7.02
C GLN A 191 -1.51 14.18 7.85
N LEU A 192 -1.31 13.15 8.66
CA LEU A 192 -2.32 12.81 9.66
C LEU A 192 -2.34 13.90 10.72
N GLY A 193 -3.51 14.42 11.02
CA GLY A 193 -3.61 15.47 12.02
C GLY A 193 -3.57 14.96 13.45
N GLU A 194 -3.21 15.87 14.37
CA GLU A 194 -3.26 15.55 15.80
C GLU A 194 -4.67 15.09 16.21
N ASN A 195 -5.69 15.80 15.74
CA ASN A 195 -7.07 15.33 15.91
C ASN A 195 -7.34 14.03 15.16
N GLY A 196 -6.38 13.56 14.37
CA GLY A 196 -6.47 12.27 13.72
C GLY A 196 -7.14 12.28 12.36
N LYS A 197 -7.59 13.43 11.87
CA LYS A 197 -8.17 13.53 10.54
C LYS A 197 -7.08 13.93 9.53
N ILE A 198 -7.41 13.77 8.25
CA ILE A 198 -6.49 14.19 7.21
C ILE A 198 -6.24 15.68 7.31
N CYS A 199 -4.98 16.09 7.25
CA CYS A 199 -4.60 17.50 7.30
C CYS A 199 -3.88 17.86 6.01
N TRP A 200 -4.48 18.76 5.23
CA TRP A 200 -3.84 19.35 4.06
C TRP A 200 -3.17 20.63 4.50
N VAL A 201 -1.89 20.53 4.86
CA VAL A 201 -1.08 21.71 5.19
C VAL A 201 -1.07 22.70 4.01
#